data_5EOL
#
_entry.id   5EOL
#
_cell.length_a   96.856
_cell.length_b   96.856
_cell.length_c   80.452
_cell.angle_alpha   90.00
_cell.angle_beta   90.00
_cell.angle_gamma   120.00
#
_symmetry.space_group_name_H-M   'P 65'
#
loop_
_entity.id
_entity.type
_entity.pdbx_description
1 polymer 'Serine/threonine-protein kinase pim-1'
2 non-polymer 'macrocyclic quinoxaline-pyrrolodihydropiperidinone'
3 non-polymer GLYCEROL
4 water water
#
_entity_poly.entity_id   1
_entity_poly.type   'polypeptide(L)'
_entity_poly.pdbx_seq_one_letter_code
;MAHHHHHHDEVDGPLESQYQVGPLLGSGGFGSVYSGIRVSDNLPVAIKHVEKDRISDWGELPNGTRVPMEVVLLKKVSSG
FSGVIRLLDWFERPDSFVLILERPEPVQDLFDFITERGALQEELARSFFWQVLEAVRHCHNCGVLHRDIKDENILIDLNR
GELKLIDFGSGALLKDTVYTDFDGTRVYSPPEWIRYHRYHGRSAAVWSLGILLYDMVCGDIPFEHDEEIIRGQVFFRQRV
SSECQHLIRWCLALRPSDRPTFEEIQNHPWMQDVLLPQETAEIHLH
;
_entity_poly.pdbx_strand_id   A
#
loop_
_chem_comp.id
_chem_comp.type
_chem_comp.name
_chem_comp.formula
5QO non-polymer 'macrocyclic quinoxaline-pyrrolodihydropiperidinone' 'C21 H21 N5 O'
GOL non-polymer GLYCEROL 'C3 H8 O3'
#
# COMPACT_ATOMS: atom_id res chain seq x y z
N PRO A 14 3.58 -26.23 -16.31
CA PRO A 14 2.89 -25.98 -15.04
C PRO A 14 2.18 -24.62 -15.02
N LEU A 15 2.88 -23.57 -15.41
CA LEU A 15 2.33 -22.21 -15.47
C LEU A 15 1.54 -21.99 -16.77
N GLU A 16 2.03 -22.60 -17.84
CA GLU A 16 1.46 -22.43 -19.18
C GLU A 16 0.11 -23.12 -19.32
N SER A 17 0.01 -24.34 -18.80
CA SER A 17 -1.20 -25.16 -18.94
C SER A 17 -2.33 -24.75 -17.99
N GLN A 18 -2.07 -23.77 -17.12
CA GLN A 18 -3.07 -23.32 -16.13
C GLN A 18 -3.57 -21.91 -16.37
N TYR A 19 -2.71 -21.06 -16.93
CA TYR A 19 -3.03 -19.64 -17.10
C TYR A 19 -2.92 -19.15 -18.54
N GLN A 20 -3.76 -18.17 -18.87
CA GLN A 20 -3.79 -17.55 -20.18
C GLN A 20 -3.30 -16.11 -20.00
N VAL A 21 -2.16 -15.78 -20.59
CA VAL A 21 -1.52 -14.48 -20.36
C VAL A 21 -2.10 -13.38 -21.25
N GLY A 22 -2.43 -12.25 -20.64
CA GLY A 22 -2.94 -11.08 -21.36
C GLY A 22 -1.90 -9.98 -21.44
N PRO A 23 -2.36 -8.72 -21.63
CA PRO A 23 -1.44 -7.58 -21.81
C PRO A 23 -0.72 -7.17 -20.54
N LEU A 24 0.39 -6.45 -20.73
CA LEU A 24 1.17 -5.88 -19.63
C LEU A 24 0.39 -4.77 -18.92
N LEU A 25 0.25 -4.90 -17.60
CA LEU A 25 -0.47 -3.90 -16.80
C LEU A 25 0.45 -2.78 -16.31
N GLY A 26 1.70 -3.13 -16.03
CA GLY A 26 2.69 -2.16 -15.56
C GLY A 26 4.04 -2.81 -15.27
N SER A 27 5.08 -1.98 -15.23
CA SER A 27 6.42 -2.46 -14.89
C SER A 27 7.23 -1.37 -14.23
N GLY A 28 8.13 -1.76 -13.33
CA GLY A 28 8.93 -0.85 -12.57
C GLY A 28 9.86 -1.57 -11.63
N GLY A 29 10.17 -0.94 -10.51
CA GLY A 29 11.04 -1.52 -9.52
C GLY A 29 10.45 -2.84 -9.06
N PHE A 30 9.13 -2.90 -8.98
CA PHE A 30 8.44 -4.13 -8.58
C PHE A 30 8.60 -5.31 -9.55
N GLY A 31 9.04 -5.04 -10.77
CA GLY A 31 9.10 -6.07 -11.82
C GLY A 31 8.09 -5.82 -12.92
N SER A 32 7.56 -6.89 -13.50
CA SER A 32 6.59 -6.79 -14.60
C SER A 32 5.30 -7.54 -14.27
N VAL A 33 4.18 -6.83 -14.33
CA VAL A 33 2.87 -7.41 -14.00
C VAL A 33 1.96 -7.46 -15.23
N TYR A 34 1.49 -8.67 -15.57
CA TYR A 34 0.59 -8.89 -16.70
C TYR A 34 -0.83 -9.22 -16.24
N SER A 35 -1.81 -8.83 -17.06
CA SER A 35 -3.17 -9.30 -16.89
C SER A 35 -3.25 -10.76 -17.33
N GLY A 36 -4.14 -11.51 -16.70
CA GLY A 36 -4.27 -12.93 -17.01
C GLY A 36 -5.61 -13.54 -16.63
N ILE A 37 -5.82 -14.77 -17.08
CA ILE A 37 -7.04 -15.52 -16.80
C ILE A 37 -6.62 -16.94 -16.42
N ARG A 38 -7.16 -17.46 -15.32
CA ARG A 38 -7.02 -18.87 -15.00
C ARG A 38 -7.96 -19.67 -15.91
N VAL A 39 -7.39 -20.60 -16.67
CA VAL A 39 -8.13 -21.32 -17.71
C VAL A 39 -9.29 -22.15 -17.15
N SER A 40 -9.05 -22.81 -16.02
CA SER A 40 -9.99 -23.75 -15.41
C SER A 40 -11.37 -23.16 -15.09
N ASP A 41 -11.40 -21.94 -14.57
CA ASP A 41 -12.65 -21.30 -14.13
C ASP A 41 -12.84 -19.87 -14.63
N ASN A 42 -12.00 -19.45 -15.57
CA ASN A 42 -12.02 -18.10 -16.15
C ASN A 42 -11.72 -16.95 -15.18
N LEU A 43 -11.22 -17.27 -13.99
CA LEU A 43 -10.92 -16.26 -12.97
C LEU A 43 -9.88 -15.24 -13.47
N PRO A 44 -10.19 -13.94 -13.32
CA PRO A 44 -9.24 -12.87 -13.62
C PRO A 44 -8.06 -12.87 -12.65
N VAL A 45 -6.84 -12.92 -13.17
CA VAL A 45 -5.64 -12.93 -12.33
C VAL A 45 -4.61 -11.89 -12.77
N ALA A 46 -3.63 -11.64 -11.90
CA ALA A 46 -2.48 -10.81 -12.23
C ALA A 46 -1.21 -11.65 -12.11
N ILE A 47 -0.40 -11.62 -13.16
CA ILE A 47 0.81 -12.44 -13.23
C ILE A 47 2.04 -11.54 -13.06
N LYS A 48 2.67 -11.63 -11.89
CA LYS A 48 3.83 -10.81 -11.55
C LYS A 48 5.14 -11.58 -11.71
N HIS A 49 6.06 -11.02 -12.49
CA HIS A 49 7.39 -11.59 -12.70
C HIS A 49 8.44 -10.74 -12.04
N VAL A 50 9.32 -11.36 -11.28
CA VAL A 50 10.40 -10.64 -10.68
C VAL A 50 11.72 -11.39 -10.81
N GLU A 51 12.72 -10.69 -11.31
CA GLU A 51 14.04 -11.28 -11.55
C GLU A 51 14.76 -11.58 -10.24
N LYS A 52 15.41 -12.74 -10.17
CA LYS A 52 16.16 -13.15 -8.97
C LYS A 52 17.27 -12.17 -8.59
N ASP A 53 17.99 -11.66 -9.59
CA ASP A 53 19.05 -10.65 -9.38
C ASP A 53 18.53 -9.38 -8.71
N ARG A 54 17.25 -9.07 -8.93
CA ARG A 54 16.63 -7.84 -8.44
C ARG A 54 16.04 -7.98 -7.04
N ILE A 55 16.08 -9.21 -6.50
CA ILE A 55 15.61 -9.48 -5.13
C ILE A 55 16.80 -9.53 -4.18
N SER A 56 16.81 -8.62 -3.21
CA SER A 56 17.83 -8.61 -2.16
C SER A 56 17.27 -9.18 -0.85
N ASP A 57 15.96 -9.01 -0.67
CA ASP A 57 15.27 -9.46 0.53
C ASP A 57 14.70 -10.86 0.36
N TRP A 58 15.37 -11.85 0.95
CA TRP A 58 14.96 -13.24 0.85
C TRP A 58 14.37 -13.75 2.13
N GLY A 59 13.40 -14.65 2.00
CA GLY A 59 12.73 -15.23 3.16
C GLY A 59 12.62 -16.74 3.06
N GLU A 60 12.01 -17.34 4.07
CA GLU A 60 11.84 -18.78 4.10
C GLU A 60 10.42 -19.17 4.51
N LEU A 61 9.88 -20.18 3.84
CA LEU A 61 8.56 -20.72 4.14
C LEU A 61 8.66 -21.74 5.28
N PRO A 62 7.52 -22.08 5.93
CA PRO A 62 7.48 -23.19 6.89
C PRO A 62 8.05 -24.49 6.32
N ASN A 63 7.95 -24.67 5.01
CA ASN A 63 8.52 -25.83 4.31
C ASN A 63 10.05 -25.84 4.35
N GLY A 64 10.64 -24.69 4.67
CA GLY A 64 12.09 -24.53 4.64
C GLY A 64 12.58 -24.14 3.25
N THR A 65 11.68 -23.61 2.42
CA THR A 65 11.99 -23.26 1.04
C THR A 65 12.39 -21.79 0.92
N ARG A 66 13.44 -21.53 0.14
CA ARG A 66 13.95 -20.19 -0.08
C ARG A 66 13.13 -19.44 -1.13
N VAL A 67 12.36 -18.44 -0.69
CA VAL A 67 11.53 -17.63 -1.59
C VAL A 67 11.77 -16.14 -1.35
N PRO A 68 11.27 -15.28 -2.26
CA PRO A 68 11.31 -13.83 -1.97
C PRO A 68 10.48 -13.50 -0.73
N MET A 69 10.93 -12.51 0.04
CA MET A 69 10.23 -12.10 1.26
C MET A 69 8.76 -11.80 0.97
N GLU A 70 8.52 -11.19 -0.19
CA GLU A 70 7.18 -10.88 -0.69
C GLU A 70 6.20 -12.05 -0.59
N VAL A 71 6.63 -13.24 -1.03
CA VAL A 71 5.80 -14.45 -0.96
C VAL A 71 5.47 -14.80 0.50
N VAL A 72 6.49 -14.78 1.35
CA VAL A 72 6.32 -15.01 2.80
C VAL A 72 5.25 -14.06 3.37
N LEU A 73 5.40 -12.78 3.07
CA LEU A 73 4.50 -11.75 3.63
C LEU A 73 3.06 -11.90 3.15
N LEU A 74 2.89 -12.17 1.86
CA LEU A 74 1.55 -12.37 1.27
C LEU A 74 0.84 -13.59 1.86
N LYS A 75 1.57 -14.68 2.06
CA LYS A 75 1.01 -15.86 2.73
C LYS A 75 0.58 -15.54 4.16
N LYS A 76 1.40 -14.74 4.86
CA LYS A 76 1.09 -14.34 6.24
C LYS A 76 -0.16 -13.46 6.36
N VAL A 77 -0.47 -12.69 5.32
CA VAL A 77 -1.63 -11.78 5.34
C VAL A 77 -2.90 -12.33 4.69
N SER A 78 -2.81 -13.50 4.07
CA SER A 78 -3.95 -14.13 3.37
C SER A 78 -5.09 -14.78 4.14
N SER A 79 -6.29 -14.26 3.89
CA SER A 79 -7.52 -14.65 4.56
C SER A 79 -8.72 -14.14 3.74
N GLY A 80 -9.92 -14.26 4.28
CA GLY A 80 -11.13 -13.76 3.61
C GLY A 80 -11.19 -12.24 3.49
N PHE A 81 -10.28 -11.55 4.18
CA PHE A 81 -10.23 -10.08 4.18
C PHE A 81 -9.74 -9.52 2.85
N SER A 82 -10.59 -8.69 2.23
CA SER A 82 -10.35 -8.18 0.88
C SER A 82 -9.52 -6.88 0.82
N GLY A 83 -9.01 -6.41 1.98
CA GLY A 83 -8.21 -5.18 2.03
C GLY A 83 -6.76 -5.36 1.60
N VAL A 84 -6.32 -6.62 1.50
CA VAL A 84 -4.99 -6.93 0.99
C VAL A 84 -5.11 -7.85 -0.21
N ILE A 85 -4.29 -7.61 -1.22
CA ILE A 85 -4.21 -8.49 -2.40
C ILE A 85 -3.94 -9.94 -1.97
N ARG A 86 -4.65 -10.87 -2.59
CA ARG A 86 -4.51 -12.29 -2.27
C ARG A 86 -3.53 -12.99 -3.22
N LEU A 87 -2.56 -13.69 -2.64
CA LEU A 87 -1.67 -14.55 -3.42
C LEU A 87 -2.34 -15.89 -3.67
N LEU A 88 -2.60 -16.20 -4.93
CA LEU A 88 -3.30 -17.44 -5.30
C LEU A 88 -2.34 -18.61 -5.52
N ASP A 89 -1.17 -18.31 -6.09
CA ASP A 89 -0.16 -19.32 -6.37
C ASP A 89 1.19 -18.63 -6.66
N TRP A 90 2.25 -19.42 -6.67
CA TRP A 90 3.58 -18.93 -7.07
C TRP A 90 4.39 -20.02 -7.72
N PHE A 91 5.36 -19.62 -8.53
CA PHE A 91 6.24 -20.55 -9.25
C PHE A 91 7.67 -20.05 -9.25
N GLU A 92 8.62 -20.98 -9.22
CA GLU A 92 10.03 -20.64 -9.38
C GLU A 92 10.54 -21.05 -10.76
N ARG A 93 11.16 -20.10 -11.46
CA ARG A 93 11.85 -20.36 -12.72
C ARG A 93 13.35 -20.27 -12.47
N PRO A 94 14.17 -20.73 -13.43
CA PRO A 94 15.63 -20.65 -13.24
C PRO A 94 16.12 -19.26 -12.82
N ASP A 95 15.57 -18.21 -13.41
CA ASP A 95 16.08 -16.85 -13.17
C ASP A 95 15.05 -15.87 -12.61
N SER A 96 13.82 -16.35 -12.40
CA SER A 96 12.77 -15.49 -11.89
C SER A 96 11.77 -16.23 -10.99
N PHE A 97 11.01 -15.46 -10.22
CA PHE A 97 9.85 -15.97 -9.51
C PHE A 97 8.59 -15.37 -10.13
N VAL A 98 7.55 -16.17 -10.23
CA VAL A 98 6.27 -15.73 -10.78
C VAL A 98 5.17 -15.85 -9.72
N LEU A 99 4.47 -14.73 -9.49
CA LEU A 99 3.39 -14.66 -8.53
C LEU A 99 2.05 -14.52 -9.23
N ILE A 100 1.10 -15.39 -8.85
CA ILE A 100 -0.28 -15.27 -9.31
C ILE A 100 -1.11 -14.56 -8.24
N LEU A 101 -1.61 -13.38 -8.58
CA LEU A 101 -2.38 -12.58 -7.64
C LEU A 101 -3.83 -12.47 -8.13
N GLU A 102 -4.75 -12.28 -7.19
CA GLU A 102 -6.15 -11.99 -7.54
C GLU A 102 -6.20 -10.67 -8.32
N ARG A 103 -7.16 -10.54 -9.23
CA ARG A 103 -7.35 -9.30 -9.96
C ARG A 103 -8.82 -8.87 -9.96
N PRO A 104 -9.14 -7.83 -9.18
CA PRO A 104 -10.48 -7.20 -9.22
C PRO A 104 -10.73 -6.58 -10.58
N GLU A 105 -12.00 -6.55 -10.98
CA GLU A 105 -12.38 -6.12 -12.31
C GLU A 105 -13.82 -5.55 -12.28
N PRO A 106 -14.00 -4.26 -12.67
CA PRO A 106 -12.99 -3.28 -13.06
C PRO A 106 -12.23 -2.72 -11.86
N VAL A 107 -11.02 -2.23 -12.11
CA VAL A 107 -10.13 -1.73 -11.06
C VAL A 107 -9.33 -0.53 -11.59
N GLN A 108 -8.88 0.33 -10.67
CA GLN A 108 -7.97 1.44 -10.98
C GLN A 108 -7.11 1.73 -9.75
N ASP A 109 -5.82 1.97 -9.94
CA ASP A 109 -4.97 2.34 -8.79
C ASP A 109 -5.26 3.76 -8.34
N LEU A 110 -4.95 4.05 -7.07
CA LEU A 110 -5.30 5.32 -6.46
C LEU A 110 -4.55 6.50 -7.09
N PHE A 111 -3.33 6.24 -7.55
CA PHE A 111 -2.53 7.25 -8.23
C PHE A 111 -3.22 7.75 -9.50
N ASP A 112 -3.68 6.82 -10.33
CA ASP A 112 -4.42 7.15 -11.55
C ASP A 112 -5.73 7.84 -11.22
N PHE A 113 -6.41 7.33 -10.20
CA PHE A 113 -7.69 7.88 -9.76
C PHE A 113 -7.56 9.34 -9.34
N ILE A 114 -6.53 9.64 -8.54
CA ILE A 114 -6.26 11.00 -8.07
C ILE A 114 -5.81 11.91 -9.22
N THR A 115 -4.98 11.37 -10.12
CA THR A 115 -4.56 12.10 -11.31
C THR A 115 -5.78 12.59 -12.12
N GLU A 116 -6.79 11.72 -12.27
CA GLU A 116 -7.98 12.06 -13.05
C GLU A 116 -8.94 13.00 -12.35
N ARG A 117 -9.10 12.84 -11.03
CA ARG A 117 -10.04 13.65 -10.27
C ARG A 117 -9.43 14.91 -9.68
N GLY A 118 -8.11 14.90 -9.53
CA GLY A 118 -7.43 15.90 -8.70
C GLY A 118 -7.75 15.61 -7.24
N ALA A 119 -7.75 16.65 -6.42
CA ALA A 119 -8.06 16.54 -4.99
C ALA A 119 -9.40 15.86 -4.75
N LEU A 120 -9.41 14.88 -3.85
CA LEU A 120 -10.63 14.14 -3.52
C LEU A 120 -11.48 14.88 -2.49
N GLN A 121 -12.81 14.83 -2.68
CA GLN A 121 -13.75 15.27 -1.65
C GLN A 121 -13.44 14.57 -0.32
N GLU A 122 -13.59 15.29 0.78
CA GLU A 122 -13.20 14.77 2.08
C GLU A 122 -13.95 13.51 2.50
N GLU A 123 -15.24 13.47 2.19
CA GLU A 123 -16.05 12.26 2.42
C GLU A 123 -15.44 11.04 1.72
N LEU A 124 -14.94 11.24 0.50
CA LEU A 124 -14.34 10.15 -0.26
C LEU A 124 -12.96 9.80 0.29
N ALA A 125 -12.17 10.82 0.60
CA ALA A 125 -10.86 10.63 1.22
C ALA A 125 -10.97 9.87 2.54
N ARG A 126 -11.98 10.21 3.34
CA ARG A 126 -12.25 9.56 4.64
C ARG A 126 -12.48 8.06 4.48
N SER A 127 -13.35 7.70 3.54
CA SER A 127 -13.67 6.31 3.25
C SER A 127 -12.44 5.53 2.74
N PHE A 128 -11.69 6.14 1.83
CA PHE A 128 -10.48 5.52 1.28
C PHE A 128 -9.39 5.37 2.35
N PHE A 129 -9.16 6.45 3.10
CA PHE A 129 -8.13 6.44 4.13
C PHE A 129 -8.44 5.41 5.24
N TRP A 130 -9.71 5.35 5.64
CA TRP A 130 -10.18 4.38 6.63
C TRP A 130 -9.91 2.97 6.20
N GLN A 131 -10.25 2.65 4.95
CA GLN A 131 -10.02 1.32 4.39
C GLN A 131 -8.53 0.99 4.34
N VAL A 132 -7.71 1.97 3.98
CA VAL A 132 -6.25 1.79 3.99
C VAL A 132 -5.78 1.46 5.41
N LEU A 133 -6.29 2.18 6.40
CA LEU A 133 -5.96 1.95 7.80
C LEU A 133 -6.31 0.53 8.27
N GLU A 134 -7.52 0.06 7.89
CA GLU A 134 -7.95 -1.30 8.20
C GLU A 134 -7.02 -2.33 7.56
N ALA A 135 -6.58 -2.05 6.34
CA ALA A 135 -5.67 -2.93 5.61
C ALA A 135 -4.29 -3.01 6.26
N VAL A 136 -3.76 -1.86 6.68
CA VAL A 136 -2.43 -1.79 7.29
C VAL A 136 -2.43 -2.43 8.68
N ARG A 137 -3.47 -2.16 9.47
CA ARG A 137 -3.68 -2.79 10.78
C ARG A 137 -3.74 -4.30 10.67
N HIS A 138 -4.44 -4.80 9.65
CA HIS A 138 -4.48 -6.23 9.37
C HIS A 138 -3.09 -6.78 9.10
N CYS A 139 -2.31 -6.08 8.28
CA CYS A 139 -0.92 -6.48 8.00
C CYS A 139 -0.11 -6.58 9.28
N HIS A 140 -0.13 -5.52 10.10
CA HIS A 140 0.59 -5.49 11.37
C HIS A 140 0.15 -6.58 12.32
N ASN A 141 -1.16 -6.79 12.41
CA ASN A 141 -1.72 -7.86 13.23
C ASN A 141 -1.29 -9.25 12.75
N CYS A 142 -0.90 -9.35 11.48
CA CYS A 142 -0.38 -10.60 10.90
C CYS A 142 1.15 -10.68 10.92
N GLY A 143 1.80 -9.73 11.59
CA GLY A 143 3.26 -9.69 11.68
C GLY A 143 3.97 -9.19 10.44
N VAL A 144 3.26 -8.42 9.61
CA VAL A 144 3.80 -7.94 8.33
C VAL A 144 3.85 -6.40 8.25
N LEU A 145 5.02 -5.87 7.91
CA LEU A 145 5.17 -4.44 7.66
C LEU A 145 5.35 -4.18 6.16
N HIS A 146 4.51 -3.32 5.61
CA HIS A 146 4.50 -3.04 4.16
C HIS A 146 5.67 -2.23 3.66
N ARG A 147 5.97 -1.13 4.35
CA ARG A 147 7.12 -0.26 4.06
C ARG A 147 7.07 0.54 2.75
N ASP A 148 5.96 0.43 2.04
CA ASP A 148 5.76 1.15 0.77
C ASP A 148 4.32 1.66 0.57
N ILE A 149 3.65 2.08 1.63
CA ILE A 149 2.28 2.59 1.53
C ILE A 149 2.27 3.86 0.69
N LYS A 150 1.49 3.85 -0.39
CA LYS A 150 1.37 4.99 -1.31
C LYS A 150 0.23 4.75 -2.31
N ASP A 151 -0.21 5.82 -2.98
CA ASP A 151 -1.30 5.74 -3.94
C ASP A 151 -1.12 4.65 -5.01
N GLU A 152 0.09 4.56 -5.57
CA GLU A 152 0.42 3.54 -6.57
C GLU A 152 0.25 2.10 -6.07
N ASN A 153 0.36 1.90 -4.76
CA ASN A 153 0.21 0.56 -4.16
C ASN A 153 -1.17 0.27 -3.59
N ILE A 154 -2.17 1.02 -4.04
CA ILE A 154 -3.55 0.86 -3.61
C ILE A 154 -4.45 0.73 -4.83
N LEU A 155 -5.18 -0.38 -4.92
CA LEU A 155 -6.16 -0.59 -5.99
C LEU A 155 -7.56 -0.32 -5.48
N ILE A 156 -8.37 0.30 -6.33
CA ILE A 156 -9.78 0.55 -6.03
C ILE A 156 -10.67 -0.39 -6.85
N ASP A 157 -11.36 -1.30 -6.16
CA ASP A 157 -12.42 -2.09 -6.77
C ASP A 157 -13.57 -1.12 -7.04
N LEU A 158 -13.70 -0.72 -8.29
CA LEU A 158 -14.62 0.35 -8.69
C LEU A 158 -16.10 0.03 -8.51
N ASN A 159 -16.47 -1.26 -8.63
CA ASN A 159 -17.85 -1.70 -8.41
C ASN A 159 -18.27 -1.71 -6.94
N ARG A 160 -17.37 -2.21 -6.08
CA ARG A 160 -17.69 -2.46 -4.68
C ARG A 160 -17.24 -1.33 -3.74
N GLY A 161 -16.39 -0.44 -4.25
CA GLY A 161 -15.82 0.64 -3.44
C GLY A 161 -14.81 0.14 -2.41
N GLU A 162 -14.18 -0.99 -2.70
CA GLU A 162 -13.22 -1.62 -1.79
C GLU A 162 -11.79 -1.42 -2.27
N LEU A 163 -10.91 -0.99 -1.36
CA LEU A 163 -9.50 -0.78 -1.65
C LEU A 163 -8.63 -1.97 -1.25
N LYS A 164 -7.54 -2.17 -2.00
CA LYS A 164 -6.60 -3.26 -1.79
C LYS A 164 -5.15 -2.81 -1.80
N LEU A 165 -4.42 -3.19 -0.77
CA LEU A 165 -2.96 -3.01 -0.72
C LEU A 165 -2.29 -4.02 -1.63
N ILE A 166 -1.36 -3.54 -2.45
CA ILE A 166 -0.57 -4.41 -3.31
C ILE A 166 0.92 -4.17 -3.08
N ASP A 167 1.73 -5.03 -3.69
CA ASP A 167 3.20 -4.95 -3.71
C ASP A 167 3.98 -4.96 -2.41
N PHE A 168 4.17 -6.17 -1.87
CA PHE A 168 4.87 -6.34 -0.60
C PHE A 168 6.36 -6.57 -0.80
N GLY A 169 6.87 -6.14 -1.95
CA GLY A 169 8.27 -6.35 -2.33
C GLY A 169 9.29 -5.53 -1.55
N SER A 170 8.84 -4.51 -0.82
CA SER A 170 9.71 -3.70 0.05
C SER A 170 9.43 -4.03 1.52
N GLY A 171 8.52 -4.96 1.74
CA GLY A 171 8.07 -5.28 3.09
C GLY A 171 9.08 -6.03 3.92
N ALA A 172 8.72 -6.24 5.19
CA ALA A 172 9.53 -7.00 6.12
C ALA A 172 8.62 -7.61 7.16
N LEU A 173 9.13 -8.61 7.87
CA LEU A 173 8.48 -9.09 9.07
C LEU A 173 8.44 -7.92 10.05
N LEU A 174 7.30 -7.71 10.69
CA LEU A 174 7.18 -6.66 11.70
C LEU A 174 8.01 -7.02 12.93
N LYS A 175 8.77 -6.05 13.43
CA LYS A 175 9.57 -6.23 14.63
C LYS A 175 9.49 -4.96 15.49
N ASP A 176 9.87 -5.09 16.76
CA ASP A 176 9.81 -3.97 17.70
C ASP A 176 11.14 -3.23 17.80
N THR A 177 12.16 -3.79 17.16
CA THR A 177 13.50 -3.17 17.13
C THR A 177 13.67 -2.30 15.88
N VAL A 178 14.77 -1.56 15.83
CA VAL A 178 15.02 -0.56 14.79
C VAL A 178 15.29 -1.20 13.42
N TYR A 179 14.73 -0.62 12.36
CA TYR A 179 15.09 -0.98 10.99
C TYR A 179 16.19 -0.05 10.51
N THR A 180 17.25 -0.62 9.94
CA THR A 180 18.35 0.17 9.39
C THR A 180 18.45 0.00 7.87
N ASP A 181 17.49 -0.71 7.29
CA ASP A 181 17.37 -0.89 5.85
C ASP A 181 16.03 -0.34 5.37
N PHE A 182 16.01 0.18 4.15
CA PHE A 182 14.78 0.69 3.55
C PHE A 182 14.86 0.64 2.03
N ASP A 183 13.80 0.15 1.40
CA ASP A 183 13.71 0.06 -0.05
C ASP A 183 12.43 0.60 -0.68
N GLY A 184 11.59 1.26 0.11
CA GLY A 184 10.32 1.80 -0.39
C GLY A 184 10.52 3.10 -1.13
N THR A 185 9.53 3.98 -1.07
CA THR A 185 9.55 5.22 -1.82
C THR A 185 10.04 6.35 -0.92
N ARG A 186 11.12 7.00 -1.34
CA ARG A 186 11.81 7.99 -0.51
C ARG A 186 10.92 9.16 -0.11
N VAL A 187 10.11 9.67 -1.05
CA VAL A 187 9.22 10.80 -0.79
C VAL A 187 8.12 10.49 0.22
N TYR A 188 7.94 9.21 0.55
CA TYR A 188 7.02 8.75 1.59
C TYR A 188 7.74 8.31 2.87
N SER A 189 9.07 8.36 2.86
CA SER A 189 9.87 7.93 3.99
C SER A 189 10.02 9.05 5.03
N PRO A 190 10.16 8.67 6.32
CA PRO A 190 10.14 9.65 7.41
C PRO A 190 11.49 10.36 7.62
N PRO A 191 11.49 11.51 8.32
CA PRO A 191 12.71 12.30 8.53
C PRO A 191 13.81 11.54 9.30
N GLU A 192 13.42 10.61 10.17
CA GLU A 192 14.40 9.79 10.89
C GLU A 192 15.17 8.83 9.96
N TRP A 193 14.53 8.42 8.86
CA TRP A 193 15.22 7.66 7.83
C TRP A 193 16.17 8.54 7.05
N ILE A 194 15.69 9.70 6.63
CA ILE A 194 16.50 10.65 5.88
C ILE A 194 17.76 11.04 6.66
N ARG A 195 17.57 11.42 7.93
CA ARG A 195 18.67 11.94 8.75
C ARG A 195 19.59 10.87 9.34
N TYR A 196 19.02 9.75 9.78
CA TYR A 196 19.78 8.78 10.58
C TYR A 196 19.85 7.37 9.99
N HIS A 197 19.07 7.12 8.94
CA HIS A 197 18.91 5.76 8.39
C HIS A 197 18.39 4.78 9.43
N ARG A 198 17.52 5.28 10.31
CA ARG A 198 16.92 4.50 11.36
C ARG A 198 15.43 4.83 11.47
N TYR A 199 14.61 3.82 11.70
CA TYR A 199 13.18 4.01 11.93
C TYR A 199 12.58 2.78 12.59
N HIS A 200 11.40 2.96 13.19
CA HIS A 200 10.63 1.85 13.69
C HIS A 200 9.40 1.69 12.85
N GLY A 201 8.93 0.45 12.72
CA GLY A 201 7.90 0.08 11.75
C GLY A 201 6.61 0.89 11.79
N ARG A 202 5.91 0.85 12.93
CA ARG A 202 4.60 1.48 13.08
C ARG A 202 4.62 2.99 12.87
N SER A 203 5.59 3.67 13.48
CA SER A 203 5.67 5.13 13.39
C SER A 203 6.08 5.63 12.01
N ALA A 204 6.97 4.89 11.34
CA ALA A 204 7.28 5.14 9.93
C ALA A 204 6.04 4.93 9.06
N ALA A 205 5.26 3.89 9.36
CA ALA A 205 4.04 3.62 8.60
C ALA A 205 3.02 4.75 8.75
N VAL A 206 2.93 5.31 9.96
CA VAL A 206 2.03 6.43 10.23
C VAL A 206 2.44 7.68 9.45
N TRP A 207 3.74 7.95 9.38
CA TRP A 207 4.26 9.03 8.53
C TRP A 207 3.83 8.88 7.09
N SER A 208 4.04 7.69 6.51
CA SER A 208 3.66 7.47 5.11
C SER A 208 2.16 7.63 4.92
N LEU A 209 1.39 7.29 5.95
CA LEU A 209 -0.06 7.47 5.93
C LEU A 209 -0.46 8.94 5.90
N GLY A 210 0.29 9.78 6.63
CA GLY A 210 0.14 11.22 6.57
C GLY A 210 0.42 11.81 5.19
N ILE A 211 1.47 11.30 4.53
CA ILE A 211 1.79 11.69 3.16
C ILE A 211 0.64 11.30 2.22
N LEU A 212 0.14 10.08 2.39
CA LEU A 212 -0.96 9.53 1.59
C LEU A 212 -2.25 10.34 1.72
N LEU A 213 -2.61 10.66 2.97
CA LEU A 213 -3.79 11.46 3.25
C LEU A 213 -3.69 12.86 2.63
N TYR A 214 -2.57 13.53 2.84
CA TYR A 214 -2.31 14.83 2.19
C TYR A 214 -2.53 14.69 0.68
N ASP A 215 -1.93 13.64 0.10
CA ASP A 215 -2.04 13.41 -1.33
C ASP A 215 -3.49 13.26 -1.79
N MET A 216 -4.30 12.56 -1.00
CA MET A 216 -5.72 12.38 -1.30
C MET A 216 -6.47 13.72 -1.35
N VAL A 217 -6.26 14.55 -0.33
CA VAL A 217 -7.03 15.80 -0.20
C VAL A 217 -6.44 17.01 -0.95
N CYS A 218 -5.19 16.90 -1.38
CA CYS A 218 -4.51 18.00 -2.08
C CYS A 218 -4.16 17.69 -3.53
N GLY A 219 -4.23 16.42 -3.91
CA GLY A 219 -3.96 16.00 -5.28
C GLY A 219 -2.49 15.75 -5.58
N ASP A 220 -1.62 16.05 -4.62
CA ASP A 220 -0.18 15.82 -4.76
C ASP A 220 0.46 15.60 -3.38
N ILE A 221 1.68 15.09 -3.36
CA ILE A 221 2.42 14.88 -2.11
C ILE A 221 2.98 16.19 -1.54
N PRO A 222 3.15 16.27 -0.20
CA PRO A 222 3.56 17.57 0.38
C PRO A 222 5.03 17.91 0.22
N PHE A 223 5.89 16.89 0.13
CA PHE A 223 7.34 17.08 0.05
C PHE A 223 8.02 16.38 -1.08
N GLU A 224 8.99 17.05 -1.72
CA GLU A 224 9.77 16.48 -2.81
C GLU A 224 11.23 16.23 -2.40
N HIS A 225 11.86 17.23 -1.80
CA HIS A 225 13.28 17.13 -1.42
C HIS A 225 13.51 16.69 0.01
N ASP A 226 14.70 16.16 0.27
CA ASP A 226 15.11 15.71 1.61
C ASP A 226 14.95 16.81 2.68
N GLU A 227 15.36 18.03 2.33
CA GLU A 227 15.24 19.20 3.21
C GLU A 227 13.80 19.50 3.61
N GLU A 228 12.88 19.29 2.68
CA GLU A 228 11.45 19.46 2.96
C GLU A 228 10.94 18.42 3.95
N ILE A 229 11.36 17.17 3.78
CA ILE A 229 10.99 16.08 4.69
C ILE A 229 11.50 16.35 6.11
N ILE A 230 12.78 16.72 6.22
CA ILE A 230 13.44 17.02 7.50
C ILE A 230 12.79 18.22 8.22
N ARG A 231 12.44 19.25 7.46
CA ARG A 231 11.75 20.41 8.03
C ARG A 231 10.31 20.06 8.46
N GLY A 232 9.63 19.27 7.63
CA GLY A 232 8.27 18.82 7.91
C GLY A 232 7.22 19.92 8.06
N GLN A 233 7.44 21.06 7.41
CA GLN A 233 6.44 22.13 7.39
C GLN A 233 5.39 21.80 6.32
N VAL A 234 4.14 21.65 6.75
CA VAL A 234 3.05 21.31 5.84
C VAL A 234 2.32 22.56 5.36
N PHE A 235 2.31 22.75 4.04
CA PHE A 235 1.51 23.80 3.41
C PHE A 235 0.36 23.18 2.63
N PHE A 236 -0.87 23.65 2.91
CA PHE A 236 -2.04 23.18 2.16
C PHE A 236 -2.34 24.03 0.94
N ARG A 237 -2.25 23.39 -0.22
CA ARG A 237 -2.42 24.04 -1.52
C ARG A 237 -3.88 24.01 -1.97
N GLN A 238 -4.68 23.17 -1.30
CA GLN A 238 -6.11 23.04 -1.57
C GLN A 238 -6.88 23.32 -0.29
N ARG A 239 -8.16 23.64 -0.42
CA ARG A 239 -9.03 23.78 0.73
C ARG A 239 -9.24 22.44 1.43
N VAL A 240 -8.76 22.37 2.67
CA VAL A 240 -8.87 21.17 3.50
C VAL A 240 -9.36 21.60 4.90
N SER A 241 -10.37 20.89 5.42
CA SER A 241 -10.94 21.19 6.73
C SER A 241 -9.88 21.18 7.84
N SER A 242 -10.11 21.96 8.88
CA SER A 242 -9.17 22.07 10.00
C SER A 242 -8.92 20.72 10.67
N GLU A 243 -9.97 19.94 10.76
CA GLU A 243 -9.89 18.62 11.36
C GLU A 243 -8.94 17.72 10.58
N CYS A 244 -9.10 17.68 9.26
CA CYS A 244 -8.22 16.90 8.39
C CYS A 244 -6.79 17.42 8.43
N GLN A 245 -6.63 18.75 8.37
CA GLN A 245 -5.31 19.38 8.47
C GLN A 245 -4.60 18.95 9.75
N HIS A 246 -5.34 18.95 10.86
CA HIS A 246 -4.83 18.54 12.17
C HIS A 246 -4.37 17.10 12.17
N LEU A 247 -5.19 16.20 11.63
CA LEU A 247 -4.80 14.79 11.55
C LEU A 247 -3.53 14.59 10.71
N ILE A 248 -3.46 15.30 9.58
CA ILE A 248 -2.29 15.21 8.70
C ILE A 248 -1.02 15.66 9.43
N ARG A 249 -1.11 16.82 10.09
CA ARG A 249 0.04 17.37 10.81
C ARG A 249 0.48 16.46 11.96
N TRP A 250 -0.48 15.80 12.60
CA TRP A 250 -0.21 14.82 13.65
C TRP A 250 0.54 13.61 13.12
N CYS A 251 0.05 13.02 12.02
CA CYS A 251 0.74 11.90 11.37
C CYS A 251 2.15 12.28 10.91
N LEU A 252 2.30 13.54 10.51
CA LEU A 252 3.58 14.05 10.01
C LEU A 252 4.45 14.76 11.06
N ALA A 253 4.24 14.43 12.34
CA ALA A 253 5.09 14.94 13.43
C ALA A 253 6.54 14.51 13.24
N LEU A 254 7.47 15.45 13.42
CA LEU A 254 8.89 15.18 13.23
C LEU A 254 9.41 14.03 14.10
N ARG A 255 9.12 14.10 15.40
CA ARG A 255 9.50 13.05 16.34
C ARG A 255 8.52 11.88 16.25
N PRO A 256 9.04 10.67 15.95
CA PRO A 256 8.20 9.48 15.76
C PRO A 256 7.22 9.21 16.92
N SER A 257 7.67 9.47 18.15
CA SER A 257 6.84 9.27 19.33
C SER A 257 5.75 10.35 19.50
N ASP A 258 5.82 11.42 18.72
CA ASP A 258 4.74 12.41 18.69
C ASP A 258 3.62 12.04 17.71
N ARG A 259 3.85 11.00 16.90
CA ARG A 259 2.85 10.55 15.94
C ARG A 259 1.73 9.74 16.59
N PRO A 260 0.50 9.83 16.05
CA PRO A 260 -0.61 9.08 16.62
C PRO A 260 -0.46 7.59 16.38
N THR A 261 -1.00 6.79 17.30
CA THR A 261 -1.14 5.36 17.08
C THR A 261 -2.26 5.18 16.07
N PHE A 262 -2.37 3.99 15.50
CA PHE A 262 -3.47 3.66 14.60
C PHE A 262 -4.84 3.86 15.26
N GLU A 263 -4.94 3.51 16.55
CA GLU A 263 -6.14 3.71 17.33
C GLU A 263 -6.50 5.19 17.39
N GLU A 264 -5.50 6.02 17.68
CA GLU A 264 -5.67 7.46 17.77
C GLU A 264 -6.07 8.10 16.45
N ILE A 265 -5.57 7.56 15.34
CA ILE A 265 -5.95 8.02 14.01
C ILE A 265 -7.43 7.74 13.76
N GLN A 266 -7.84 6.50 14.01
CA GLN A 266 -9.21 6.07 13.75
C GLN A 266 -10.21 6.62 14.76
N ASN A 267 -9.72 7.11 15.90
CA ASN A 267 -10.56 7.81 16.89
C ASN A 267 -10.61 9.32 16.67
N HIS A 268 -9.81 9.81 15.73
CA HIS A 268 -9.74 11.25 15.43
C HIS A 268 -11.08 11.75 14.92
N PRO A 269 -11.49 12.97 15.34
CA PRO A 269 -12.77 13.53 14.91
C PRO A 269 -13.00 13.56 13.40
N TRP A 270 -11.95 13.78 12.61
CA TRP A 270 -12.09 13.76 11.14
C TRP A 270 -12.48 12.41 10.61
N MET A 271 -12.16 11.35 11.35
CA MET A 271 -12.44 9.97 10.91
C MET A 271 -13.83 9.43 11.26
N GLN A 272 -14.63 10.22 11.97
CA GLN A 272 -15.98 9.82 12.40
C GLN A 272 -16.95 9.59 11.23
N ASP A 273 -17.89 8.66 11.41
CA ASP A 273 -19.00 8.43 10.47
C ASP A 273 -18.55 8.10 9.05
N VAL A 274 -17.65 7.14 8.92
CA VAL A 274 -17.17 6.72 7.61
C VAL A 274 -18.28 6.04 6.80
N LEU A 275 -18.33 6.32 5.50
CA LEU A 275 -19.22 5.59 4.60
C LEU A 275 -18.77 4.14 4.50
N LEU A 276 -19.72 3.24 4.28
CA LEU A 276 -19.40 1.86 3.91
C LEU A 276 -18.85 1.86 2.48
N PRO A 277 -18.11 0.79 2.10
CA PRO A 277 -17.55 0.73 0.75
C PRO A 277 -18.62 0.83 -0.36
N GLN A 278 -19.72 0.09 -0.21
CA GLN A 278 -20.81 0.12 -1.20
C GLN A 278 -21.42 1.52 -1.34
N GLU A 279 -21.73 2.15 -0.21
CA GLU A 279 -22.18 3.55 -0.17
C GLU A 279 -21.17 4.47 -0.86
N THR A 280 -19.89 4.21 -0.62
CA THR A 280 -18.80 4.97 -1.27
C THR A 280 -18.84 4.83 -2.80
N ALA A 281 -18.96 3.60 -3.29
CA ALA A 281 -19.05 3.34 -4.73
C ALA A 281 -20.27 4.01 -5.36
N GLU A 282 -21.41 3.88 -4.69
CA GLU A 282 -22.68 4.45 -5.18
C GLU A 282 -22.63 5.97 -5.32
N ILE A 283 -22.07 6.65 -4.32
CA ILE A 283 -22.00 8.10 -4.33
C ILE A 283 -20.87 8.65 -5.21
N HIS A 284 -19.71 7.99 -5.18
CA HIS A 284 -18.48 8.55 -5.75
C HIS A 284 -17.87 7.87 -6.93
N LEU A 285 -18.21 6.60 -7.16
CA LEU A 285 -17.55 5.81 -8.21
C LEU A 285 -18.39 5.38 -9.38
N HIS A 286 -19.64 5.00 -9.13
CA HIS A 286 -20.52 4.51 -10.20
C HIS A 286 -20.86 5.59 -11.19
C15 5QO B . 2.96 -2.70 -8.48
N5 5QO B . 3.41 -3.86 -7.65
C16 5QO B . 2.63 -5.05 -7.56
O1 5QO B . 3.01 -5.98 -6.85
C12 5QO B . 1.42 -5.10 -8.25
C13 5QO B . 0.32 -5.84 -8.15
C10 5QO B . -0.55 -5.44 -9.09
N4 5QO B . 0.00 -4.43 -9.79
C11 5QO B . 1.20 -4.22 -9.29
C14 5QO B . 2.24 -3.18 -9.74
C17 5QO B . 1.58 -1.99 -10.48
C21 5QO B . 1.38 -2.32 -11.82
C20 5QO B . 0.18 -2.13 -12.51
C18 5QO B . -1.08 -1.49 -11.88
C19 5QO B . -1.14 -0.04 -12.35
N3 5QO B . -2.29 -2.19 -12.36
C2 5QO B . -2.81 -3.27 -11.77
N2 5QO B . -2.09 -4.00 -10.90
C3 5QO B . -2.61 -5.10 -10.31
C5 5QO B . -1.84 -5.85 -9.41
C6 5QO B . -2.40 -6.97 -8.80
C7 5QO B . -3.70 -7.36 -9.11
C8 5QO B . -4.46 -6.63 -10.02
C4 5QO B . -3.91 -5.49 -10.62
N1 5QO B . -4.64 -4.78 -11.49
C1 5QO B . -4.12 -3.68 -12.08
C9 5QO B . -4.98 -2.90 -13.07
C1 GOL C . 5.65 -24.03 -6.04
O1 GOL C . 5.92 -24.65 -7.27
C2 GOL C . 4.22 -24.39 -5.69
O2 GOL C . 3.43 -24.20 -6.85
C3 GOL C . 3.78 -23.46 -4.61
O3 GOL C . 2.44 -23.76 -4.25
C1 GOL D . -15.99 -9.85 -7.34
O1 GOL D . -16.32 -9.89 -5.94
C2 GOL D . -14.97 -8.75 -7.60
O2 GOL D . -15.35 -7.55 -6.91
C3 GOL D . -14.87 -8.49 -9.10
O3 GOL D . -14.00 -7.38 -9.34
#